data_2V34
#
_entry.id   2V34
#
_cell.length_a   137.169
_cell.length_b   137.169
_cell.length_c   137.169
_cell.angle_alpha   90.00
_cell.angle_beta   90.00
_cell.angle_gamma   90.00
#
_symmetry.space_group_name_H-M   'P 21 3'
#
loop_
_entity.id
_entity.type
_entity.pdbx_description
1 polymer '4-DIPHOSPHOCYTIDYL-2C-METHYL-D-ERYTHRITOL KINASE'
2 non-polymer 4-AMINO-1-BETA-D-RIBOFURANOSYL-2(1H)-PYRIMIDINONE
3 non-polymer 'CHLORIDE ION'
4 non-polymer 'SULFATE ION'
5 non-polymer '[(1E,3R,4S)-4-FLUORO-3,5-DIHYDROXY-4-METHYLPENT-1-EN-1-YL]PHOSPHONIC ACID'
6 water water
#
_entity_poly.entity_id   1
_entity_poly.type   'polypeptide(L)'
_entity_poly.pdbx_seq_one_letter_code
;GSHMIKVLSPAKINLGLWVLGRLPSGYHEILTLYQEIPFYDEIYIREGVLRVETNIGIPQEENLVYKGLREFERITGIEI
NYSIFIQKNIPPGAGLGGGSSNLAVVLKKVNELLGSPLSEEELRELVGSISADAPFFLLGKSAIGRGKGEVLEPVETEIS
GKITLVIPQVSSSTGRVYSSLREEHFVTPEYAEEKIQRIISGEVEEIENVLGDIARELYPEINEVYRFVEYLGFKPFVSG
SGSTVYFFGGASEELKKAAKMRGWKVVELEL
;
_entity_poly.pdbx_strand_id   A,B
#
loop_
_chem_comp.id
_chem_comp.type
_chem_comp.name
_chem_comp.formula
CL non-polymer 'CHLORIDE ION' 'Cl -1'
CTN non-polymer 4-AMINO-1-BETA-D-RIBOFURANOSYL-2(1H)-PYRIMIDINONE 'C9 H13 N3 O5'
SG3 non-polymer '[(1E,3R,4S)-4-FLUORO-3,5-DIHYDROXY-4-METHYLPENT-1-EN-1-YL]PHOSPHONIC ACID' 'C6 H12 F O5 P'
SO4 non-polymer 'SULFATE ION' 'O4 S -2'
#
# COMPACT_ATOMS: atom_id res chain seq x y z
N HIS A 3 -46.32 -22.83 10.16
N HIS A 3 -46.14 -23.47 10.33
CA HIS A 3 -45.23 -22.70 11.18
CA HIS A 3 -45.06 -23.87 11.28
C HIS A 3 -43.83 -22.55 10.58
C HIS A 3 -43.66 -23.72 10.69
N MET A 4 -43.58 -23.23 9.46
CA MET A 4 -42.29 -23.12 8.74
C MET A 4 -41.98 -21.68 8.39
N ILE A 5 -40.73 -21.27 8.60
CA ILE A 5 -40.27 -19.92 8.30
C ILE A 5 -39.03 -19.95 7.40
N LYS A 6 -38.80 -18.84 6.70
CA LYS A 6 -37.64 -18.65 5.86
C LYS A 6 -36.74 -17.56 6.45
N VAL A 7 -35.44 -17.85 6.55
N VAL A 7 -35.45 -17.86 6.57
CA VAL A 7 -34.44 -16.86 6.94
CA VAL A 7 -34.45 -16.85 6.92
C VAL A 7 -33.32 -16.78 5.88
C VAL A 7 -33.34 -16.78 5.85
N LEU A 8 -32.97 -15.56 5.47
CA LEU A 8 -31.87 -15.34 4.52
C LEU A 8 -30.52 -15.30 5.24
N SER A 9 -29.51 -15.86 4.58
CA SER A 9 -28.17 -15.98 5.16
C SER A 9 -27.16 -15.32 4.23
N PRO A 10 -26.73 -14.07 4.55
CA PRO A 10 -25.91 -13.30 3.60
C PRO A 10 -24.45 -13.73 3.55
N ALA A 11 -23.76 -13.38 2.48
CA ALA A 11 -22.33 -13.65 2.34
C ALA A 11 -21.49 -12.44 2.78
N LYS A 12 -20.19 -12.63 2.93
CA LYS A 12 -19.26 -11.50 3.08
C LYS A 12 -18.13 -11.60 2.06
N ILE A 13 -17.45 -10.47 1.85
CA ILE A 13 -16.11 -10.46 1.27
C ILE A 13 -15.12 -9.79 2.22
N ASN A 14 -13.85 -10.16 2.14
CA ASN A 14 -12.80 -9.39 2.76
C ASN A 14 -12.33 -8.31 1.79
N LEU A 15 -12.51 -7.05 2.17
CA LEU A 15 -11.95 -5.92 1.45
C LEU A 15 -10.54 -5.67 2.00
N GLY A 16 -9.66 -6.65 1.80
CA GLY A 16 -8.33 -6.63 2.38
C GLY A 16 -8.21 -7.54 3.58
N LEU A 17 -7.09 -8.24 3.65
CA LEU A 17 -6.75 -9.07 4.80
C LEU A 17 -5.24 -9.09 5.01
N TRP A 18 -4.83 -8.94 6.27
CA TRP A 18 -3.41 -9.00 6.66
C TRP A 18 -3.22 -9.98 7.80
N VAL A 19 -2.07 -10.63 7.81
CA VAL A 19 -1.74 -11.58 8.86
C VAL A 19 -0.57 -11.03 9.68
N LEU A 20 -0.76 -10.96 10.99
CA LEU A 20 0.23 -10.37 11.90
C LEU A 20 1.20 -11.43 12.39
N GLY A 21 0.66 -12.63 12.61
CA GLY A 21 1.47 -13.78 12.94
C GLY A 21 0.69 -14.97 13.44
N ARG A 22 1.43 -15.97 13.92
CA ARG A 22 0.89 -17.18 14.51
C ARG A 22 0.45 -16.98 15.94
N LEU A 23 -0.56 -17.73 16.36
CA LEU A 23 -0.92 -17.87 17.77
C LEU A 23 -0.55 -19.28 18.24
N PRO A 24 -0.23 -19.45 19.54
CA PRO A 24 0.11 -20.79 20.05
C PRO A 24 -0.98 -21.83 19.81
N SER A 25 -2.23 -21.40 19.78
CA SER A 25 -3.40 -22.28 19.57
C SER A 25 -3.45 -22.94 18.19
N GLY A 26 -2.66 -22.42 17.25
CA GLY A 26 -2.68 -22.92 15.88
C GLY A 26 -3.38 -21.96 14.93
N TYR A 27 -4.15 -21.03 15.49
CA TYR A 27 -4.78 -20.00 14.68
C TYR A 27 -3.79 -18.87 14.38
N HIS A 28 -4.28 -17.83 13.70
CA HIS A 28 -3.43 -16.71 13.30
C HIS A 28 -4.08 -15.42 13.71
N GLU A 29 -3.27 -14.46 14.14
CA GLU A 29 -3.79 -13.12 14.40
C GLU A 29 -3.83 -12.35 13.08
N ILE A 30 -4.97 -11.71 12.83
CA ILE A 30 -5.23 -11.08 11.55
C ILE A 30 -5.86 -9.70 11.72
N LEU A 31 -5.83 -8.94 10.63
CA LEU A 31 -6.58 -7.70 10.48
C LEU A 31 -7.30 -7.80 9.13
N THR A 32 -8.60 -7.55 9.14
CA THR A 32 -9.41 -7.60 7.93
C THR A 32 -10.58 -6.62 7.99
N LEU A 33 -11.01 -6.16 6.83
CA LEU A 33 -12.26 -5.40 6.71
C LEU A 33 -13.33 -6.32 6.10
N TYR A 34 -14.34 -6.66 6.91
CA TYR A 34 -15.50 -7.45 6.48
C TYR A 34 -16.54 -6.56 5.81
N GLN A 35 -17.13 -7.04 4.72
CA GLN A 35 -18.25 -6.38 4.08
C GLN A 35 -19.32 -7.40 3.74
N GLU A 36 -20.51 -7.23 4.31
CA GLU A 36 -21.67 -8.05 3.94
C GLU A 36 -22.13 -7.68 2.54
N ILE A 37 -22.46 -8.69 1.75
CA ILE A 37 -22.86 -8.50 0.36
C ILE A 37 -24.26 -9.07 0.14
N PRO A 38 -25.05 -8.48 -0.78
CA PRO A 38 -26.42 -8.96 -1.03
C PRO A 38 -26.46 -10.25 -1.87
N PHE A 39 -26.01 -11.34 -1.25
CA PHE A 39 -25.86 -12.65 -1.87
C PHE A 39 -26.20 -13.60 -0.74
N TYR A 40 -27.26 -14.40 -0.92
CA TYR A 40 -27.88 -15.12 0.20
C TYR A 40 -28.12 -16.61 -0.05
N ASP A 41 -27.90 -17.42 0.98
CA ASP A 41 -28.52 -18.75 1.09
C ASP A 41 -29.96 -18.55 1.59
N GLU A 42 -30.87 -19.44 1.20
CA GLU A 42 -32.24 -19.46 1.74
C GLU A 42 -32.33 -20.59 2.73
N ILE A 43 -32.67 -20.25 3.97
CA ILE A 43 -32.77 -21.25 5.03
C ILE A 43 -34.22 -21.42 5.49
N TYR A 44 -34.72 -22.65 5.41
CA TYR A 44 -36.08 -22.94 5.81
C TYR A 44 -36.10 -23.68 7.13
N ILE A 45 -36.85 -23.15 8.08
CA ILE A 45 -36.88 -23.68 9.43
C ILE A 45 -38.31 -24.11 9.77
N ARG A 46 -38.47 -25.38 10.11
CA ARG A 46 -39.76 -25.93 10.53
C ARG A 46 -39.63 -26.76 11.79
N GLU A 47 -40.74 -26.87 12.50
CA GLU A 47 -40.83 -27.66 13.71
C GLU A 47 -40.82 -29.16 13.36
N GLY A 48 -39.91 -29.90 13.98
CA GLY A 48 -39.77 -31.34 13.73
C GLY A 48 -38.58 -31.94 14.47
N VAL A 49 -38.17 -33.15 14.08
CA VAL A 49 -36.96 -33.76 14.63
C VAL A 49 -35.75 -32.89 14.21
N LEU A 50 -34.78 -32.76 15.11
CA LEU A 50 -33.55 -32.03 14.81
C LEU A 50 -32.82 -32.62 13.60
N ARG A 51 -32.76 -31.84 12.53
CA ARG A 51 -32.00 -32.21 11.35
C ARG A 51 -31.45 -30.96 10.68
N VAL A 52 -30.26 -31.06 10.11
CA VAL A 52 -29.72 -30.01 9.24
C VAL A 52 -29.34 -30.60 7.89
N GLU A 53 -30.04 -30.16 6.84
N GLU A 53 -30.05 -30.18 6.84
CA GLU A 53 -29.83 -30.66 5.48
CA GLU A 53 -29.78 -30.64 5.48
C GLU A 53 -29.54 -29.52 4.50
C GLU A 53 -29.50 -29.49 4.51
N THR A 54 -28.72 -29.79 3.48
CA THR A 54 -28.44 -28.85 2.40
C THR A 54 -28.78 -29.47 1.06
N ASN A 55 -28.81 -28.65 0.01
CA ASN A 55 -29.00 -29.15 -1.36
C ASN A 55 -27.71 -29.67 -2.03
N ILE A 56 -26.57 -29.53 -1.36
CA ILE A 56 -25.27 -29.86 -1.96
C ILE A 56 -24.50 -30.98 -1.22
N GLY A 57 -25.22 -31.80 -0.47
CA GLY A 57 -24.66 -33.00 0.15
C GLY A 57 -23.61 -32.83 1.23
N ILE A 58 -23.71 -31.75 2.01
CA ILE A 58 -22.88 -31.61 3.21
C ILE A 58 -23.46 -32.53 4.29
N PRO A 59 -22.61 -33.42 4.85
CA PRO A 59 -23.09 -34.30 5.93
C PRO A 59 -23.49 -33.50 7.17
N GLN A 60 -24.49 -34.01 7.89
CA GLN A 60 -25.05 -33.32 9.05
C GLN A 60 -24.04 -33.09 10.16
N GLU A 61 -23.21 -34.10 10.44
N GLU A 61 -23.23 -34.13 10.43
CA GLU A 61 -22.24 -34.02 11.52
CA GLU A 61 -22.18 -34.12 11.45
C GLU A 61 -21.08 -33.05 11.26
C GLU A 61 -21.17 -32.99 11.26
N GLU A 62 -20.88 -32.69 9.99
CA GLU A 62 -19.83 -31.73 9.62
C GLU A 62 -20.36 -30.31 9.43
N ASN A 63 -21.68 -30.17 9.38
CA ASN A 63 -22.34 -28.88 9.18
C ASN A 63 -22.24 -28.02 10.44
N LEU A 64 -21.72 -26.80 10.29
CA LEU A 64 -21.51 -25.88 11.41
C LEU A 64 -22.80 -25.49 12.14
N VAL A 65 -23.91 -25.46 11.41
CA VAL A 65 -25.21 -25.16 12.01
C VAL A 65 -25.60 -26.26 13.01
N TYR A 66 -25.42 -27.52 12.59
CA TYR A 66 -25.71 -28.66 13.46
C TYR A 66 -24.81 -28.64 14.69
N LYS A 67 -23.52 -28.39 14.48
CA LYS A 67 -22.55 -28.24 15.58
C LYS A 67 -22.98 -27.19 16.60
N GLY A 68 -23.56 -26.09 16.10
CA GLY A 68 -24.01 -25.00 16.94
C GLY A 68 -25.30 -25.27 17.69
N LEU A 69 -26.22 -25.96 17.03
CA LEU A 69 -27.49 -26.34 17.66
C LEU A 69 -27.31 -27.35 18.78
N ARG A 70 -26.37 -28.28 18.58
CA ARG A 70 -26.01 -29.29 19.59
C ARG A 70 -25.30 -28.66 20.81
N GLU A 71 -24.41 -27.70 20.56
CA GLU A 71 -23.79 -26.94 21.62
C GLU A 71 -24.82 -26.07 22.37
N PHE A 72 -25.84 -25.61 21.65
CA PHE A 72 -26.96 -24.88 22.25
C PHE A 72 -27.74 -25.80 23.20
N GLU A 73 -28.05 -27.01 22.74
CA GLU A 73 -28.73 -28.03 23.56
C GLU A 73 -27.91 -28.31 24.82
N ARG A 74 -26.60 -28.43 24.64
CA ARG A 74 -25.66 -28.77 25.70
CA ARG A 74 -25.66 -28.77 25.70
C ARG A 74 -25.61 -27.69 26.79
N ILE A 75 -25.44 -26.44 26.36
CA ILE A 75 -25.33 -25.28 27.28
C ILE A 75 -26.65 -24.99 27.99
N THR A 76 -27.76 -25.15 27.28
CA THR A 76 -29.06 -24.68 27.73
C THR A 76 -29.91 -25.75 28.43
N GLY A 77 -29.74 -27.01 28.04
CA GLY A 77 -30.59 -28.09 28.53
C GLY A 77 -31.91 -28.22 27.77
N ILE A 78 -32.13 -27.34 26.80
CA ILE A 78 -33.34 -27.33 25.98
C ILE A 78 -33.13 -28.16 24.72
N GLU A 79 -34.14 -28.97 24.39
CA GLU A 79 -34.15 -29.74 23.15
C GLU A 79 -34.55 -28.89 21.95
N ILE A 80 -33.73 -28.97 20.89
CA ILE A 80 -34.05 -28.30 19.64
C ILE A 80 -34.91 -29.22 18.78
N ASN A 81 -36.17 -28.83 18.62
CA ASN A 81 -37.09 -29.56 17.76
C ASN A 81 -37.35 -28.81 16.45
N TYR A 82 -36.26 -28.61 15.69
CA TYR A 82 -36.33 -27.91 14.40
C TYR A 82 -35.62 -28.65 13.28
N SER A 83 -36.31 -28.75 12.14
N SER A 83 -36.30 -28.73 12.13
CA SER A 83 -35.72 -29.31 10.92
CA SER A 83 -35.74 -29.31 10.91
C SER A 83 -35.24 -28.17 10.02
C SER A 83 -35.25 -28.19 9.99
N ILE A 84 -33.92 -28.12 9.81
CA ILE A 84 -33.29 -27.06 9.01
C ILE A 84 -32.90 -27.53 7.62
N PHE A 85 -33.43 -26.87 6.59
CA PHE A 85 -32.95 -27.07 5.22
C PHE A 85 -32.35 -25.80 4.63
N ILE A 86 -31.11 -25.91 4.17
CA ILE A 86 -30.36 -24.77 3.62
C ILE A 86 -30.14 -24.91 2.11
N GLN A 87 -30.71 -23.97 1.35
CA GLN A 87 -30.45 -23.87 -0.09
C GLN A 87 -29.18 -23.04 -0.29
N LYS A 88 -28.10 -23.74 -0.60
CA LYS A 88 -26.74 -23.19 -0.61
C LYS A 88 -26.38 -22.49 -1.92
N ASN A 89 -26.67 -21.20 -2.00
CA ASN A 89 -26.23 -20.38 -3.13
C ASN A 89 -24.76 -19.97 -3.01
N ILE A 90 -24.31 -19.78 -1.77
CA ILE A 90 -22.92 -19.46 -1.45
C ILE A 90 -22.14 -20.77 -1.33
N PRO A 91 -21.22 -21.01 -2.28
CA PRO A 91 -20.45 -22.26 -2.29
C PRO A 91 -19.41 -22.36 -1.15
N PRO A 92 -19.29 -23.53 -0.52
CA PRO A 92 -18.23 -23.85 0.45
C PRO A 92 -16.85 -23.73 -0.20
N GLY A 93 -15.88 -23.20 0.55
CA GLY A 93 -14.53 -22.99 0.04
C GLY A 93 -14.38 -21.81 -0.92
N ALA A 94 -15.38 -20.92 -0.93
CA ALA A 94 -15.37 -19.76 -1.82
C ALA A 94 -14.75 -18.51 -1.16
N GLY A 95 -14.56 -18.57 0.17
CA GLY A 95 -14.01 -17.43 0.91
C GLY A 95 -15.07 -16.40 1.26
N LEU A 96 -16.33 -16.81 1.20
CA LEU A 96 -17.46 -15.89 1.42
C LEU A 96 -18.19 -16.10 2.75
N GLY A 97 -17.67 -16.98 3.60
CA GLY A 97 -18.23 -17.22 4.93
C GLY A 97 -19.64 -17.79 4.99
N GLY A 98 -20.06 -18.53 3.97
CA GLY A 98 -21.41 -19.09 3.89
C GLY A 98 -21.81 -19.97 5.07
N GLY A 99 -20.96 -20.93 5.41
CA GLY A 99 -21.15 -21.77 6.59
C GLY A 99 -21.26 -21.00 7.89
N SER A 100 -20.37 -20.01 8.07
CA SER A 100 -20.36 -19.16 9.27
C SER A 100 -21.58 -18.26 9.38
N SER A 101 -22.07 -17.81 8.23
CA SER A 101 -23.29 -17.03 8.15
C SER A 101 -24.50 -17.89 8.50
N ASN A 102 -24.57 -19.10 7.92
CA ASN A 102 -25.60 -20.07 8.24
C ASN A 102 -25.70 -20.29 9.76
N LEU A 103 -24.55 -20.58 10.37
CA LEU A 103 -24.42 -20.77 11.82
C LEU A 103 -24.94 -19.58 12.64
N ALA A 104 -24.49 -18.38 12.31
CA ALA A 104 -24.90 -17.16 13.04
C ALA A 104 -26.41 -16.90 12.95
N VAL A 105 -26.95 -16.89 11.73
CA VAL A 105 -28.35 -16.54 11.51
C VAL A 105 -29.35 -17.57 12.05
N VAL A 106 -29.02 -18.86 11.93
CA VAL A 106 -29.92 -19.91 12.41
C VAL A 106 -29.94 -19.90 13.92
N LEU A 107 -28.76 -19.76 14.52
CA LEU A 107 -28.66 -19.79 15.98
C LEU A 107 -29.25 -18.55 16.63
N LYS A 108 -29.01 -17.38 16.05
CA LYS A 108 -29.70 -16.17 16.48
C LYS A 108 -31.21 -16.38 16.45
N LYS A 109 -31.71 -16.98 15.37
CA LYS A 109 -33.15 -17.22 15.19
C LYS A 109 -33.74 -18.24 16.16
N VAL A 110 -33.06 -19.37 16.32
CA VAL A 110 -33.49 -20.45 17.20
C VAL A 110 -33.46 -20.00 18.67
N ASN A 111 -32.49 -19.16 19.01
CA ASN A 111 -32.38 -18.57 20.35
C ASN A 111 -33.59 -17.70 20.66
N GLU A 112 -33.98 -16.87 19.68
CA GLU A 112 -35.15 -16.00 19.79
CA GLU A 112 -35.16 -16.00 19.76
C GLU A 112 -36.45 -16.81 19.93
N LEU A 113 -36.58 -17.87 19.14
CA LEU A 113 -37.79 -18.72 19.15
C LEU A 113 -37.99 -19.45 20.48
N LEU A 114 -36.92 -19.60 21.25
CA LEU A 114 -36.95 -20.35 22.51
C LEU A 114 -36.85 -19.45 23.75
N GLY A 115 -37.29 -18.20 23.63
CA GLY A 115 -37.34 -17.27 24.76
C GLY A 115 -36.03 -16.61 25.15
N SER A 116 -35.06 -16.69 24.24
CA SER A 116 -33.74 -16.05 24.38
C SER A 116 -32.93 -16.42 25.64
N PRO A 117 -32.71 -17.73 25.86
CA PRO A 117 -31.90 -18.21 26.99
C PRO A 117 -30.45 -17.72 26.98
N LEU A 118 -29.91 -17.47 25.79
CA LEU A 118 -28.57 -16.91 25.66
C LEU A 118 -28.64 -15.40 25.45
N SER A 119 -27.78 -14.69 26.15
CA SER A 119 -27.59 -13.26 25.93
C SER A 119 -26.83 -13.05 24.61
N GLU A 120 -26.70 -11.80 24.20
CA GLU A 120 -26.01 -11.47 22.94
C GLU A 120 -24.51 -11.75 23.01
N GLU A 121 -23.92 -11.61 24.20
CA GLU A 121 -22.52 -11.98 24.42
C GLU A 121 -22.31 -13.51 24.39
N GLU A 122 -23.27 -14.24 24.95
CA GLU A 122 -23.20 -15.71 25.00
C GLU A 122 -23.36 -16.33 23.62
N LEU A 123 -24.32 -15.82 22.85
CA LEU A 123 -24.56 -16.25 21.47
C LEU A 123 -23.30 -16.06 20.62
N ARG A 124 -22.71 -14.88 20.75
CA ARG A 124 -21.48 -14.52 20.05
C ARG A 124 -20.28 -15.39 20.45
N GLU A 125 -20.25 -15.77 21.73
CA GLU A 125 -19.28 -16.74 22.24
C GLU A 125 -19.46 -18.13 21.63
N LEU A 126 -20.71 -18.57 21.58
CA LEU A 126 -21.07 -19.87 21.03
C LEU A 126 -20.67 -19.98 19.56
N VAL A 127 -21.16 -19.06 18.73
CA VAL A 127 -20.88 -19.12 17.29
C VAL A 127 -19.40 -18.90 16.99
N GLY A 128 -18.78 -17.98 17.75
CA GLY A 128 -17.36 -17.68 17.61
C GLY A 128 -16.41 -18.82 17.94
N SER A 129 -16.83 -19.71 18.85
CA SER A 129 -16.03 -20.87 19.23
C SER A 129 -16.01 -21.93 18.13
N ILE A 130 -16.99 -21.86 17.23
CA ILE A 130 -17.09 -22.77 16.10
C ILE A 130 -16.44 -22.16 14.85
N SER A 131 -16.66 -20.87 14.63
CA SER A 131 -16.08 -20.14 13.50
C SER A 131 -15.76 -18.68 13.84
N ALA A 132 -14.52 -18.25 13.62
CA ALA A 132 -14.10 -16.86 13.86
C ALA A 132 -14.83 -15.85 12.96
N ASP A 133 -15.25 -16.29 11.77
CA ASP A 133 -16.02 -15.47 10.84
C ASP A 133 -17.50 -15.29 11.22
N ALA A 134 -18.01 -16.15 12.12
CA ALA A 134 -19.44 -16.15 12.48
C ALA A 134 -19.94 -14.90 13.22
N PRO A 135 -19.21 -14.41 14.23
CA PRO A 135 -19.66 -13.20 14.93
C PRO A 135 -19.93 -12.00 14.02
N PHE A 136 -19.17 -11.86 12.92
CA PHE A 136 -19.44 -10.76 11.98
C PHE A 136 -20.89 -10.75 11.52
N PHE A 137 -21.43 -11.94 11.26
CA PHE A 137 -22.79 -12.06 10.71
C PHE A 137 -23.92 -11.74 11.71
N LEU A 138 -23.56 -11.59 12.98
CA LEU A 138 -24.49 -11.09 14.00
C LEU A 138 -24.58 -9.57 13.93
N LEU A 139 -23.62 -8.96 13.24
CA LEU A 139 -23.56 -7.51 13.02
C LEU A 139 -24.00 -7.11 11.61
N GLY A 140 -23.42 -7.78 10.61
CA GLY A 140 -23.64 -7.41 9.20
C GLY A 140 -22.99 -6.08 8.85
N LYS A 141 -23.35 -5.55 7.69
CA LYS A 141 -22.84 -4.26 7.18
C LYS A 141 -21.32 -4.29 6.96
N SER A 142 -20.60 -3.34 7.57
CA SER A 142 -19.16 -3.24 7.46
C SER A 142 -18.54 -3.23 8.86
N ALA A 143 -17.48 -4.00 9.05
CA ALA A 143 -16.78 -4.04 10.33
C ALA A 143 -15.32 -4.43 10.15
N ILE A 144 -14.44 -3.85 10.96
CA ILE A 144 -13.07 -4.30 11.04
C ILE A 144 -13.03 -5.51 11.96
N GLY A 145 -12.36 -6.57 11.50
CA GLY A 145 -12.16 -7.78 12.29
C GLY A 145 -10.73 -7.85 12.78
N ARG A 146 -10.58 -7.99 14.09
CA ARG A 146 -9.27 -8.09 14.70
C ARG A 146 -9.22 -9.35 15.55
N GLY A 147 -8.04 -9.66 16.07
CA GLY A 147 -7.83 -10.91 16.77
C GLY A 147 -7.72 -12.04 15.76
N LYS A 148 -8.72 -12.92 15.75
CA LYS A 148 -8.82 -13.95 14.70
C LYS A 148 -9.94 -13.60 13.71
N GLY A 149 -10.52 -12.42 13.89
CA GLY A 149 -11.62 -11.93 13.07
C GLY A 149 -12.84 -11.64 13.91
N GLU A 150 -12.89 -12.24 15.10
CA GLU A 150 -14.06 -12.17 15.98
C GLU A 150 -14.15 -10.91 16.85
N VAL A 151 -13.10 -10.12 16.90
CA VAL A 151 -13.12 -8.87 17.67
C VAL A 151 -13.44 -7.75 16.71
N LEU A 152 -14.68 -7.28 16.79
CA LEU A 152 -15.26 -6.49 15.73
C LEU A 152 -15.50 -5.02 16.06
N GLU A 153 -15.22 -4.16 15.08
CA GLU A 153 -15.50 -2.74 15.18
C GLU A 153 -16.29 -2.30 13.95
N PRO A 154 -17.58 -1.98 14.13
CA PRO A 154 -18.40 -1.42 13.05
C PRO A 154 -17.80 -0.12 12.51
N VAL A 155 -17.82 0.02 11.18
CA VAL A 155 -17.33 1.21 10.49
C VAL A 155 -18.26 1.58 9.36
N GLU A 156 -18.14 2.81 8.88
CA GLU A 156 -18.88 3.28 7.72
C GLU A 156 -17.89 3.51 6.58
N THR A 157 -18.05 2.76 5.51
CA THR A 157 -17.14 2.89 4.36
C THR A 157 -17.72 3.81 3.30
N GLU A 158 -16.83 4.33 2.45
CA GLU A 158 -17.24 5.13 1.30
C GLU A 158 -17.23 4.29 0.03
N ILE A 159 -17.49 2.99 0.16
CA ILE A 159 -17.51 2.08 -0.98
C ILE A 159 -18.94 1.79 -1.43
N SER A 160 -19.20 1.99 -2.73
CA SER A 160 -20.50 1.73 -3.35
C SER A 160 -20.35 1.36 -4.83
N GLY A 161 -21.46 0.96 -5.46
CA GLY A 161 -21.47 0.64 -6.88
C GLY A 161 -21.39 -0.86 -7.18
N LYS A 162 -20.99 -1.19 -8.40
CA LYS A 162 -20.95 -2.57 -8.88
C LYS A 162 -19.77 -3.38 -8.34
N ILE A 163 -20.07 -4.59 -7.86
CA ILE A 163 -19.06 -5.60 -7.55
C ILE A 163 -19.49 -6.90 -8.20
N THR A 164 -18.55 -7.52 -8.92
CA THR A 164 -18.78 -8.81 -9.55
C THR A 164 -17.90 -9.89 -8.93
N LEU A 165 -18.52 -10.96 -8.47
CA LEU A 165 -17.81 -12.13 -7.98
C LEU A 165 -17.66 -13.17 -9.09
N VAL A 166 -16.45 -13.69 -9.25
CA VAL A 166 -16.19 -14.79 -10.15
C VAL A 166 -15.67 -15.97 -9.33
N ILE A 167 -16.48 -17.02 -9.25
CA ILE A 167 -16.23 -18.14 -8.34
C ILE A 167 -15.94 -19.44 -9.12
N PRO A 168 -14.69 -19.90 -9.09
CA PRO A 168 -14.39 -21.16 -9.79
C PRO A 168 -14.90 -22.36 -9.01
N GLN A 169 -14.92 -23.52 -9.64
CA GLN A 169 -15.50 -24.74 -9.05
C GLN A 169 -14.68 -25.25 -7.86
N VAL A 170 -13.38 -25.02 -7.88
CA VAL A 170 -12.45 -25.46 -6.82
C VAL A 170 -12.78 -24.90 -5.41
N SER A 171 -12.68 -25.77 -4.42
CA SER A 171 -12.89 -25.43 -3.01
C SER A 171 -11.54 -25.16 -2.33
N SER A 172 -11.36 -23.95 -1.81
CA SER A 172 -10.12 -23.58 -1.16
C SER A 172 -10.17 -23.93 0.32
N SER A 173 -9.15 -24.64 0.80
CA SER A 173 -9.05 -24.96 2.22
C SER A 173 -8.41 -23.81 2.98
N THR A 174 -9.18 -23.19 3.86
CA THR A 174 -8.72 -22.05 4.68
C THR A 174 -7.55 -22.49 5.57
N GLY A 175 -7.62 -23.71 6.08
CA GLY A 175 -6.55 -24.32 6.87
C GLY A 175 -5.27 -24.57 6.11
N ARG A 176 -5.36 -25.13 4.91
CA ARG A 176 -4.17 -25.41 4.09
C ARG A 176 -3.45 -24.14 3.62
N VAL A 177 -4.22 -23.07 3.37
CA VAL A 177 -3.67 -21.78 2.98
C VAL A 177 -2.98 -21.09 4.17
N TYR A 178 -3.69 -20.97 5.30
CA TYR A 178 -3.11 -20.38 6.52
C TYR A 178 -1.83 -21.11 6.94
N SER A 179 -1.78 -22.41 6.70
CA SER A 179 -0.64 -23.26 7.07
C SER A 179 0.59 -23.04 6.19
N SER A 180 0.38 -22.40 5.04
CA SER A 180 1.45 -22.14 4.08
C SER A 180 2.16 -20.81 4.34
N LEU A 181 1.67 -20.09 5.33
CA LEU A 181 2.13 -18.74 5.68
C LEU A 181 3.52 -18.75 6.34
N ARG A 182 4.50 -18.16 5.64
CA ARG A 182 5.86 -17.95 6.15
C ARG A 182 5.98 -16.56 6.81
N GLU A 183 7.14 -16.27 7.40
N GLU A 183 7.17 -16.29 7.38
CA GLU A 183 7.34 -15.00 8.10
CA GLU A 183 7.46 -15.04 8.08
C GLU A 183 7.36 -13.79 7.16
C GLU A 183 7.38 -13.81 7.16
N GLU A 184 7.75 -14.02 5.90
CA GLU A 184 7.77 -12.95 4.89
C GLU A 184 6.37 -12.42 4.53
N HIS A 185 5.35 -13.23 4.79
CA HIS A 185 3.96 -12.86 4.55
C HIS A 185 3.33 -11.99 5.65
N PHE A 186 3.91 -12.01 6.85
CA PHE A 186 3.36 -11.27 8.00
C PHE A 186 3.68 -9.78 7.91
N VAL A 187 2.81 -8.96 8.49
CA VAL A 187 3.04 -7.52 8.56
C VAL A 187 2.78 -7.00 9.95
N THR A 188 3.33 -5.83 10.28
CA THR A 188 2.99 -5.16 11.54
C THR A 188 1.54 -4.67 11.51
N PRO A 189 0.87 -4.62 12.68
CA PRO A 189 -0.48 -4.09 12.73
C PRO A 189 -0.57 -2.62 12.30
N GLU A 190 0.49 -1.84 12.51
CA GLU A 190 0.52 -0.43 12.09
C GLU A 190 0.39 -0.31 10.56
N TYR A 191 1.19 -1.09 9.82
CA TYR A 191 1.07 -1.14 8.37
C TYR A 191 -0.37 -1.45 7.95
N ALA A 192 -0.91 -2.56 8.47
CA ALA A 192 -2.27 -2.99 8.12
C ALA A 192 -3.35 -1.97 8.50
N GLU A 193 -3.23 -1.37 9.69
CA GLU A 193 -4.21 -0.37 10.14
C GLU A 193 -4.27 0.86 9.21
N GLU A 194 -3.12 1.27 8.67
CA GLU A 194 -3.09 2.37 7.69
C GLU A 194 -3.79 1.98 6.39
N LYS A 195 -3.53 0.75 5.92
CA LYS A 195 -4.18 0.20 4.72
C LYS A 195 -5.71 0.20 4.84
N ILE A 196 -6.21 -0.31 5.96
CA ILE A 196 -7.66 -0.45 6.19
C ILE A 196 -8.41 0.88 6.17
N GLN A 197 -7.82 1.91 6.77
CA GLN A 197 -8.45 3.23 6.79
C GLN A 197 -8.55 3.89 5.41
N ARG A 198 -7.57 3.61 4.55
CA ARG A 198 -7.63 4.10 3.16
C ARG A 198 -8.75 3.41 2.38
N ILE A 199 -8.89 2.10 2.57
CA ILE A 199 -9.99 1.33 1.98
C ILE A 199 -11.35 1.85 2.47
N ILE A 200 -11.48 2.05 3.78
CA ILE A 200 -12.68 2.63 4.39
C ILE A 200 -13.06 3.97 3.77
N SER A 201 -12.06 4.80 3.44
N SER A 201 -12.06 4.80 3.45
CA SER A 201 -12.27 6.09 2.78
CA SER A 201 -12.30 6.09 2.79
C SER A 201 -12.46 5.95 1.27
C SER A 201 -12.64 5.93 1.30
N GLY A 202 -12.54 4.71 0.79
CA GLY A 202 -12.89 4.43 -0.62
C GLY A 202 -11.76 4.14 -1.58
N GLU A 203 -10.53 4.09 -1.07
CA GLU A 203 -9.37 3.76 -1.91
C GLU A 203 -9.24 2.26 -2.11
N VAL A 204 -10.08 1.70 -3.00
CA VAL A 204 -10.12 0.25 -3.20
C VAL A 204 -8.83 -0.33 -3.78
N GLU A 205 -8.02 0.52 -4.43
CA GLU A 205 -6.72 0.11 -4.97
C GLU A 205 -5.76 -0.32 -3.84
N GLU A 206 -6.09 0.10 -2.61
CA GLU A 206 -5.30 -0.24 -1.41
C GLU A 206 -5.61 -1.66 -0.85
N ILE A 207 -6.60 -2.33 -1.43
CA ILE A 207 -6.89 -3.72 -1.04
C ILE A 207 -5.75 -4.67 -1.45
N GLU A 208 -5.39 -5.56 -0.53
CA GLU A 208 -4.48 -6.67 -0.77
C GLU A 208 -4.77 -7.79 0.23
N ASN A 209 -4.28 -8.99 -0.06
CA ASN A 209 -4.61 -10.17 0.73
C ASN A 209 -3.61 -11.28 0.42
N VAL A 210 -2.66 -11.48 1.34
CA VAL A 210 -1.62 -12.50 1.19
C VAL A 210 -2.17 -13.95 1.11
N LEU A 211 -3.32 -14.21 1.72
CA LEU A 211 -3.97 -15.52 1.59
C LEU A 211 -4.40 -15.79 0.14
N GLY A 212 -4.80 -14.73 -0.57
CA GLY A 212 -5.07 -14.79 -2.01
C GLY A 212 -3.84 -15.10 -2.83
N ASP A 213 -2.72 -14.43 -2.51
CA ASP A 213 -1.43 -14.70 -3.15
C ASP A 213 -1.06 -16.18 -3.09
N ILE A 214 -1.17 -16.77 -1.91
CA ILE A 214 -0.84 -18.17 -1.69
C ILE A 214 -1.89 -19.12 -2.31
N ALA A 215 -3.16 -18.74 -2.22
CA ALA A 215 -4.23 -19.57 -2.76
C ALA A 215 -4.14 -19.69 -4.28
N ARG A 216 -3.68 -18.61 -4.93
CA ARG A 216 -3.45 -18.58 -6.38
C ARG A 216 -2.40 -19.60 -6.83
N GLU A 217 -1.41 -19.88 -5.98
CA GLU A 217 -0.37 -20.85 -6.31
C GLU A 217 -0.69 -22.30 -5.89
N LEU A 218 -1.46 -22.46 -4.81
CA LEU A 218 -1.89 -23.80 -4.37
C LEU A 218 -3.02 -24.34 -5.26
N TYR A 219 -3.88 -23.43 -5.74
CA TYR A 219 -4.98 -23.78 -6.62
C TYR A 219 -4.88 -22.95 -7.91
N PRO A 220 -4.19 -23.49 -8.93
CA PRO A 220 -3.94 -22.77 -10.19
C PRO A 220 -5.17 -22.15 -10.86
N GLU A 221 -6.36 -22.72 -10.62
N GLU A 221 -6.35 -22.73 -10.62
CA GLU A 221 -7.58 -22.22 -11.21
CA GLU A 221 -7.60 -22.23 -11.19
C GLU A 221 -8.00 -20.84 -10.66
C GLU A 221 -7.98 -20.84 -10.67
N ILE A 222 -7.67 -20.59 -9.40
CA ILE A 222 -7.86 -19.25 -8.80
C ILE A 222 -6.99 -18.24 -9.56
N ASN A 223 -5.77 -18.65 -9.90
CA ASN A 223 -4.88 -17.82 -10.70
C ASN A 223 -5.40 -17.55 -12.12
N GLU A 224 -6.01 -18.55 -12.73
CA GLU A 224 -6.60 -18.37 -14.06
C GLU A 224 -7.73 -17.34 -14.06
N VAL A 225 -8.57 -17.39 -13.03
CA VAL A 225 -9.67 -16.41 -12.87
C VAL A 225 -9.09 -15.01 -12.69
N TYR A 226 -8.09 -14.91 -11.83
CA TYR A 226 -7.40 -13.67 -11.54
C TYR A 226 -6.83 -13.07 -12.85
N ARG A 227 -6.07 -13.86 -13.59
CA ARG A 227 -5.50 -13.44 -14.86
C ARG A 227 -6.57 -13.05 -15.89
N PHE A 228 -7.71 -13.75 -15.87
CA PHE A 228 -8.81 -13.46 -16.80
C PHE A 228 -9.48 -12.12 -16.50
N VAL A 229 -9.63 -11.78 -15.22
CA VAL A 229 -10.18 -10.49 -14.80
C VAL A 229 -9.27 -9.32 -15.21
N GLU A 230 -7.96 -9.49 -15.04
CA GLU A 230 -6.97 -8.53 -15.52
C GLU A 230 -7.12 -8.29 -17.03
N TYR A 231 -7.29 -9.39 -17.77
CA TYR A 231 -7.47 -9.34 -19.22
C TYR A 231 -8.72 -8.55 -19.58
N LEU A 232 -9.76 -8.67 -18.78
CA LEU A 232 -11.00 -7.91 -18.98
C LEU A 232 -10.87 -6.43 -18.63
N GLY A 233 -9.72 -6.04 -18.06
CA GLY A 233 -9.41 -4.64 -17.81
C GLY A 233 -9.68 -4.15 -16.40
N PHE A 234 -9.83 -5.08 -15.46
CA PHE A 234 -10.10 -4.71 -14.08
C PHE A 234 -9.00 -5.20 -13.15
N LYS A 235 -8.78 -4.47 -12.06
CA LYS A 235 -7.99 -4.96 -10.95
C LYS A 235 -8.77 -6.05 -10.21
N PRO A 236 -8.23 -7.28 -10.13
CA PRO A 236 -8.89 -8.34 -9.36
C PRO A 236 -8.48 -8.31 -7.88
N PHE A 237 -9.40 -8.76 -7.01
CA PHE A 237 -9.12 -8.95 -5.59
C PHE A 237 -9.64 -10.30 -5.14
N VAL A 238 -9.04 -10.85 -4.08
CA VAL A 238 -9.41 -12.17 -3.56
C VAL A 238 -10.06 -12.06 -2.17
N SER A 239 -11.19 -12.75 -1.99
CA SER A 239 -11.89 -12.81 -0.70
C SER A 239 -11.43 -14.03 0.08
N GLY A 240 -11.30 -13.87 1.39
CA GLY A 240 -10.87 -14.95 2.30
C GLY A 240 -9.57 -15.57 1.83
N SER A 241 -9.51 -16.90 1.85
CA SER A 241 -8.36 -17.62 1.29
C SER A 241 -8.67 -18.13 -0.11
N GLY A 242 -9.51 -17.39 -0.84
CA GLY A 242 -10.06 -17.88 -2.09
C GLY A 242 -11.30 -18.72 -1.78
N SER A 243 -11.97 -19.25 -2.80
N SER A 243 -11.98 -19.25 -2.81
CA SER A 243 -11.55 -19.21 -4.20
CA SER A 243 -11.57 -19.22 -4.20
C SER A 243 -12.04 -17.98 -4.97
C SER A 243 -12.03 -17.97 -4.96
N THR A 244 -12.98 -17.24 -4.39
CA THR A 244 -13.59 -16.08 -5.04
C THR A 244 -12.61 -14.96 -5.39
N VAL A 245 -12.64 -14.56 -6.66
CA VAL A 245 -12.01 -13.34 -7.14
C VAL A 245 -13.13 -12.33 -7.40
N TYR A 246 -12.97 -11.12 -6.89
CA TYR A 246 -13.93 -10.03 -7.16
C TYR A 246 -13.27 -8.81 -7.82
N PHE A 247 -14.10 -8.01 -8.48
CA PHE A 247 -13.66 -6.75 -9.08
C PHE A 247 -14.77 -5.71 -9.07
N PHE A 248 -14.38 -4.44 -9.12
CA PHE A 248 -15.34 -3.35 -9.09
C PHE A 248 -15.80 -2.97 -10.50
N GLY A 249 -16.83 -3.66 -10.97
CA GLY A 249 -17.40 -3.44 -12.29
C GLY A 249 -18.45 -4.48 -12.63
N GLY A 250 -19.00 -4.39 -13.84
CA GLY A 250 -20.02 -5.33 -14.30
C GLY A 250 -19.44 -6.50 -15.06
N ALA A 251 -20.27 -7.51 -15.29
CA ALA A 251 -19.89 -8.71 -16.05
C ALA A 251 -20.26 -8.55 -17.52
N SER A 252 -19.27 -8.67 -18.40
CA SER A 252 -19.48 -8.61 -19.86
C SER A 252 -19.95 -9.97 -20.36
N GLU A 253 -20.44 -10.01 -21.60
CA GLU A 253 -20.87 -11.27 -22.22
C GLU A 253 -19.72 -12.25 -22.39
N GLU A 254 -18.53 -11.73 -22.67
CA GLU A 254 -17.32 -12.56 -22.76
C GLU A 254 -16.97 -13.27 -21.43
N LEU A 255 -17.06 -12.55 -20.30
CA LEU A 255 -16.92 -13.15 -18.97
C LEU A 255 -18.02 -14.18 -18.68
N LYS A 256 -19.27 -13.85 -18.98
CA LYS A 256 -20.37 -14.79 -18.76
C LYS A 256 -20.19 -16.09 -19.57
N LYS A 257 -19.70 -15.96 -20.81
CA LYS A 257 -19.40 -17.11 -21.67
C LYS A 257 -18.24 -17.94 -21.12
N ALA A 258 -17.16 -17.28 -20.73
CA ALA A 258 -16.00 -17.95 -20.14
C ALA A 258 -16.40 -18.74 -18.90
N ALA A 259 -17.20 -18.11 -18.03
CA ALA A 259 -17.73 -18.72 -16.81
C ALA A 259 -18.62 -19.94 -17.08
N LYS A 260 -19.55 -19.80 -18.02
CA LYS A 260 -20.40 -20.93 -18.42
C LYS A 260 -19.58 -22.12 -18.96
N MET A 261 -18.58 -21.82 -19.78
CA MET A 261 -17.68 -22.83 -20.35
C MET A 261 -16.80 -23.50 -19.29
N ARG A 262 -16.36 -22.71 -18.31
CA ARG A 262 -15.36 -23.16 -17.36
C ARG A 262 -15.94 -23.66 -16.03
N GLY A 263 -17.25 -23.45 -15.84
CA GLY A 263 -17.91 -23.83 -14.60
C GLY A 263 -17.64 -22.82 -13.49
N TRP A 264 -17.50 -21.55 -13.87
CA TRP A 264 -17.37 -20.47 -12.89
C TRP A 264 -18.75 -19.92 -12.62
N LYS A 265 -18.94 -19.47 -11.39
CA LYS A 265 -20.17 -18.79 -11.01
C LYS A 265 -19.92 -17.28 -11.03
N VAL A 266 -20.80 -16.54 -11.68
CA VAL A 266 -20.70 -15.08 -11.76
C VAL A 266 -21.84 -14.48 -10.95
N VAL A 267 -21.48 -13.60 -10.01
CA VAL A 267 -22.47 -12.94 -9.16
C VAL A 267 -22.31 -11.43 -9.31
N GLU A 268 -23.36 -10.80 -9.83
CA GLU A 268 -23.38 -9.35 -10.01
C GLU A 268 -24.14 -8.69 -8.85
N LEU A 269 -23.43 -7.87 -8.09
CA LEU A 269 -23.97 -7.22 -6.89
C LEU A 269 -23.89 -5.72 -7.04
N GLU A 270 -24.70 -5.01 -6.26
CA GLU A 270 -24.60 -3.56 -6.16
C GLU A 270 -24.50 -3.15 -4.70
N LEU A 271 -23.47 -2.38 -4.37
CA LEU A 271 -23.29 -1.85 -3.02
C LEU A 271 -23.70 -0.38 -2.92
N SER B 2 47.19 23.91 -9.25
CA SER B 2 47.12 25.11 -10.15
C SER B 2 46.20 24.85 -11.35
N HIS B 3 46.19 23.61 -11.83
CA HIS B 3 45.35 23.21 -12.96
C HIS B 3 43.88 23.09 -12.52
N MET B 4 42.98 23.62 -13.34
CA MET B 4 41.53 23.50 -13.13
C MET B 4 41.10 22.05 -13.04
N ILE B 5 40.24 21.74 -12.06
CA ILE B 5 39.63 20.40 -11.97
C ILE B 5 38.10 20.40 -12.21
N LYS B 6 37.64 19.29 -12.77
CA LYS B 6 36.24 19.05 -13.08
C LYS B 6 35.60 18.11 -12.06
N VAL B 7 34.41 18.46 -11.59
CA VAL B 7 33.66 17.64 -10.63
C VAL B 7 32.22 17.51 -11.11
N LEU B 8 31.71 16.28 -11.11
CA LEU B 8 30.31 15.97 -11.44
C LEU B 8 29.41 16.09 -10.21
N SER B 9 28.27 16.74 -10.38
CA SER B 9 27.28 16.86 -9.31
C SER B 9 25.97 16.17 -9.70
N PRO B 10 25.78 14.91 -9.22
CA PRO B 10 24.62 14.10 -9.63
C PRO B 10 23.30 14.50 -8.98
N ALA B 11 22.19 14.22 -9.67
CA ALA B 11 20.86 14.43 -9.13
C ALA B 11 20.42 13.22 -8.30
N LYS B 12 19.34 13.40 -7.53
CA LYS B 12 18.67 12.25 -6.93
C LYS B 12 17.19 12.23 -7.30
N ILE B 13 16.57 11.08 -7.08
CA ILE B 13 15.11 10.99 -7.00
C ILE B 13 14.74 10.31 -5.70
N ASN B 14 13.58 10.65 -5.16
CA ASN B 14 13.00 9.90 -4.05
C ASN B 14 12.16 8.77 -4.61
N LEU B 15 12.53 7.55 -4.24
CA LEU B 15 11.74 6.37 -4.57
C LEU B 15 10.77 6.12 -3.41
N GLY B 16 9.89 7.08 -3.19
CA GLY B 16 8.97 7.06 -2.07
C GLY B 16 9.42 8.01 -0.97
N LEU B 17 8.47 8.74 -0.39
CA LEU B 17 8.71 9.61 0.76
C LEU B 17 7.48 9.64 1.67
N TRP B 18 7.72 9.56 2.97
CA TRP B 18 6.66 9.56 3.97
C TRP B 18 7.02 10.55 5.09
N VAL B 19 6.04 11.33 5.53
CA VAL B 19 6.27 12.27 6.62
C VAL B 19 5.69 11.64 7.89
N LEU B 20 6.52 11.56 8.92
CA LEU B 20 6.18 10.85 10.15
C LEU B 20 5.60 11.77 11.23
N GLY B 21 6.11 13.00 11.33
CA GLY B 21 5.61 13.97 12.30
C GLY B 21 6.35 15.30 12.27
N ARG B 22 5.97 16.20 13.18
CA ARG B 22 6.60 17.53 13.26
C ARG B 22 7.56 17.67 14.43
N LEU B 23 8.75 18.16 14.13
CA LEU B 23 9.82 18.35 15.13
C LEU B 23 9.73 19.76 15.74
N PRO B 24 10.28 19.94 16.97
CA PRO B 24 10.19 21.23 17.68
C PRO B 24 10.72 22.43 16.88
N SER B 25 11.70 22.19 16.02
CA SER B 25 12.27 23.23 15.16
C SER B 25 11.25 23.76 14.14
N GLY B 26 10.26 22.94 13.81
CA GLY B 26 9.29 23.26 12.76
C GLY B 26 9.55 22.43 11.52
N TYR B 27 10.67 21.71 11.55
CA TYR B 27 11.01 20.74 10.52
C TYR B 27 10.22 19.45 10.71
N HIS B 28 10.12 18.66 9.65
CA HIS B 28 9.35 17.45 9.69
C HIS B 28 10.26 16.24 9.71
N GLU B 29 9.84 15.20 10.42
CA GLU B 29 10.54 13.92 10.36
C GLU B 29 10.00 13.14 9.18
N ILE B 30 10.90 12.46 8.47
CA ILE B 30 10.53 11.75 7.24
C ILE B 30 11.22 10.40 7.14
N LEU B 31 10.70 9.57 6.23
CA LEU B 31 11.35 8.37 5.77
C LEU B 31 11.32 8.38 4.25
N THR B 32 12.44 8.07 3.63
CA THR B 32 12.54 8.12 2.17
C THR B 32 13.61 7.16 1.62
N LEU B 33 13.50 6.84 0.34
CA LEU B 33 14.53 6.09 -0.36
C LEU B 33 15.16 6.98 -1.44
N TYR B 34 16.39 7.40 -1.17
CA TYR B 34 17.19 8.20 -2.11
C TYR B 34 17.83 7.33 -3.18
N GLN B 35 17.79 7.80 -4.42
CA GLN B 35 18.48 7.13 -5.51
C GLN B 35 19.24 8.14 -6.36
N GLU B 36 20.57 8.02 -6.36
CA GLU B 36 21.42 8.81 -7.24
C GLU B 36 21.18 8.42 -8.69
N ILE B 37 21.00 9.42 -9.55
CA ILE B 37 20.70 9.18 -10.95
C ILE B 37 21.77 9.82 -11.86
N PRO B 38 22.03 9.21 -13.04
CA PRO B 38 23.05 9.74 -13.97
C PRO B 38 22.58 11.01 -14.71
N PHE B 39 22.46 12.09 -13.96
CA PHE B 39 21.99 13.39 -14.44
C PHE B 39 22.79 14.39 -13.62
N TYR B 40 23.66 15.16 -14.28
CA TYR B 40 24.72 15.90 -13.58
C TYR B 40 24.76 17.40 -13.85
N ASP B 41 25.03 18.17 -12.80
CA ASP B 41 25.58 19.51 -12.96
C ASP B 41 27.09 19.36 -13.21
N GLU B 42 27.66 20.31 -13.94
CA GLU B 42 29.10 20.31 -14.20
C GLU B 42 29.79 21.42 -13.42
N ILE B 43 30.81 21.04 -12.64
CA ILE B 43 31.49 22.00 -11.76
C ILE B 43 32.97 22.19 -12.10
N TYR B 44 33.33 23.45 -12.33
CA TYR B 44 34.72 23.87 -12.54
C TYR B 44 35.27 24.49 -11.26
N ILE B 45 36.36 23.92 -10.76
CA ILE B 45 37.01 24.41 -9.55
C ILE B 45 38.39 24.96 -9.91
N ARG B 46 38.58 26.25 -9.66
CA ARG B 46 39.81 26.96 -10.01
C ARG B 46 40.39 27.63 -8.79
N GLU B 47 41.72 27.70 -8.74
CA GLU B 47 42.40 28.46 -7.70
C GLU B 47 42.21 29.95 -7.99
N GLY B 48 41.85 30.70 -6.96
CA GLY B 48 41.57 32.13 -7.10
C GLY B 48 40.76 32.65 -5.94
N VAL B 49 40.20 33.85 -6.12
CA VAL B 49 39.34 34.46 -5.10
C VAL B 49 38.07 33.62 -4.90
N LEU B 50 37.70 33.43 -3.63
CA LEU B 50 36.50 32.67 -3.26
C LEU B 50 35.26 33.21 -3.97
N ARG B 51 34.81 32.47 -4.97
CA ARG B 51 33.68 32.88 -5.79
C ARG B 51 32.83 31.65 -6.13
N VAL B 52 31.51 31.85 -6.16
CA VAL B 52 30.59 30.81 -6.63
C VAL B 52 29.64 31.42 -7.65
N GLU B 53 29.81 31.03 -8.91
N GLU B 53 29.80 31.04 -8.92
CA GLU B 53 28.99 31.54 -10.02
CA GLU B 53 28.96 31.54 -10.00
C GLU B 53 28.27 30.42 -10.77
C GLU B 53 28.28 30.42 -10.79
N THR B 54 27.10 30.73 -11.32
CA THR B 54 26.35 29.78 -12.16
C THR B 54 26.04 30.34 -13.56
N ASN B 55 25.52 29.48 -14.44
CA ASN B 55 25.08 29.88 -15.76
C ASN B 55 23.59 30.21 -15.82
N ILE B 56 22.95 30.34 -14.65
CA ILE B 56 21.50 30.59 -14.57
C ILE B 56 21.12 31.77 -13.65
N GLY B 57 22.12 32.50 -13.18
CA GLY B 57 21.89 33.73 -12.41
C GLY B 57 21.55 33.59 -10.93
N ILE B 58 21.90 32.45 -10.32
CA ILE B 58 21.72 32.31 -8.87
C ILE B 58 22.69 33.26 -8.17
N PRO B 59 22.16 34.15 -7.29
CA PRO B 59 23.03 35.06 -6.53
C PRO B 59 23.97 34.27 -5.61
N GLN B 60 25.23 34.71 -5.57
CA GLN B 60 26.26 34.03 -4.77
C GLN B 60 25.88 33.84 -3.29
N GLU B 61 25.29 34.87 -2.69
CA GLU B 61 24.90 34.83 -1.27
C GLU B 61 23.86 33.75 -0.96
N GLU B 62 23.04 33.41 -1.94
CA GLU B 62 21.98 32.41 -1.78
C GLU B 62 22.43 31.00 -2.18
N ASN B 63 23.55 30.92 -2.89
CA ASN B 63 24.11 29.64 -3.32
C ASN B 63 24.59 28.80 -2.14
N LEU B 64 24.10 27.56 -2.04
CA LEU B 64 24.43 26.65 -0.94
C LEU B 64 25.90 26.27 -0.86
N VAL B 65 26.58 26.26 -2.01
CA VAL B 65 28.01 25.98 -2.09
C VAL B 65 28.79 27.10 -1.41
N TYR B 66 28.36 28.34 -1.64
CA TYR B 66 28.95 29.51 -1.00
C TYR B 66 28.77 29.51 0.51
N LYS B 67 27.53 29.23 0.95
CA LYS B 67 27.22 29.12 2.39
C LYS B 67 28.06 28.03 3.06
N GLY B 68 28.31 26.95 2.33
CA GLY B 68 29.13 25.85 2.83
C GLY B 68 30.61 26.19 2.93
N LEU B 69 31.11 26.93 1.94
CA LEU B 69 32.52 27.31 1.91
C LEU B 69 32.83 28.36 2.99
N ARG B 70 31.90 29.30 3.19
CA ARG B 70 32.00 30.31 4.24
C ARG B 70 31.96 29.69 5.62
N GLU B 71 31.13 28.66 5.78
CA GLU B 71 31.03 27.92 7.03
C GLU B 71 32.28 27.06 7.26
N PHE B 72 32.81 26.50 6.17
CA PHE B 72 34.07 25.75 6.21
C PHE B 72 35.20 26.64 6.72
N GLU B 73 35.24 27.89 6.23
CA GLU B 73 36.18 28.89 6.71
C GLU B 73 35.99 29.21 8.19
N ARG B 74 34.74 29.36 8.61
CA ARG B 74 34.42 29.69 10.01
C ARG B 74 34.82 28.58 10.99
N ILE B 75 34.58 27.33 10.60
CA ILE B 75 34.91 26.18 11.46
C ILE B 75 36.42 25.93 11.49
N THR B 76 37.04 25.90 10.32
CA THR B 76 38.41 25.42 10.19
C THR B 76 39.48 26.51 10.36
N GLY B 77 39.08 27.77 10.18
CA GLY B 77 40.01 28.90 10.24
C GLY B 77 40.80 29.11 8.96
N ILE B 78 40.90 28.05 8.16
CA ILE B 78 41.60 28.09 6.87
C ILE B 78 40.83 28.95 5.87
N GLU B 79 41.54 29.84 5.19
CA GLU B 79 40.96 30.66 4.11
C GLU B 79 40.82 29.85 2.82
N ILE B 80 39.62 29.86 2.25
CA ILE B 80 39.40 29.17 0.97
C ILE B 80 39.78 30.11 -0.17
N ASN B 81 40.70 29.63 -1.00
CA ASN B 81 41.11 30.34 -2.21
C ASN B 81 40.76 29.53 -3.46
N TYR B 82 39.45 29.33 -3.65
CA TYR B 82 38.95 28.60 -4.80
C TYR B 82 37.79 29.33 -5.46
N SER B 83 37.84 29.42 -6.79
CA SER B 83 36.71 29.89 -7.58
C SER B 83 35.91 28.70 -8.11
N ILE B 84 34.60 28.76 -7.92
CA ILE B 84 33.70 27.69 -8.34
C ILE B 84 32.74 28.22 -9.41
N PHE B 85 32.71 27.55 -10.56
CA PHE B 85 31.67 27.81 -11.56
C PHE B 85 30.80 26.56 -11.76
N ILE B 86 29.49 26.76 -11.69
CA ILE B 86 28.56 25.64 -11.85
C ILE B 86 27.66 25.81 -13.07
N GLN B 87 27.78 24.87 -14.01
CA GLN B 87 26.83 24.74 -15.10
C GLN B 87 25.65 23.90 -14.60
N LYS B 88 24.50 24.54 -14.50
CA LYS B 88 23.31 23.96 -13.88
C LYS B 88 22.38 23.27 -14.89
N ASN B 89 22.53 21.96 -15.02
CA ASN B 89 21.63 21.15 -15.84
C ASN B 89 20.42 20.64 -15.07
N ILE B 90 20.59 20.46 -13.75
CA ILE B 90 19.51 20.07 -12.84
C ILE B 90 18.69 21.31 -12.46
N PRO B 91 17.42 21.41 -12.92
CA PRO B 91 16.62 22.61 -12.64
C PRO B 91 16.31 22.79 -11.14
N PRO B 92 16.49 24.01 -10.62
CA PRO B 92 16.08 24.28 -9.24
C PRO B 92 14.56 24.20 -9.10
N GLY B 93 14.10 23.61 -8.01
CA GLY B 93 12.66 23.43 -7.79
C GLY B 93 12.09 22.24 -8.53
N ALA B 94 12.95 21.33 -8.97
CA ALA B 94 12.53 20.14 -9.69
C ALA B 94 12.44 18.90 -8.79
N GLY B 95 12.82 19.05 -7.52
CA GLY B 95 12.76 17.96 -6.56
C GLY B 95 13.92 16.98 -6.68
N LEU B 96 15.01 17.42 -7.29
CA LEU B 96 16.11 16.52 -7.65
C LEU B 96 17.40 16.71 -6.84
N GLY B 97 17.35 17.64 -5.88
CA GLY B 97 18.43 17.87 -4.91
C GLY B 97 19.68 18.49 -5.48
N GLY B 98 19.51 19.37 -6.48
CA GLY B 98 20.63 19.93 -7.23
C GLY B 98 21.57 20.78 -6.40
N GLY B 99 21.02 21.79 -5.74
CA GLY B 99 21.77 22.62 -4.80
C GLY B 99 22.47 21.82 -3.69
N SER B 100 21.75 20.84 -3.12
CA SER B 100 22.31 19.97 -2.09
C SER B 100 23.44 19.10 -2.61
N SER B 101 23.30 18.67 -3.87
CA SER B 101 24.33 17.89 -4.53
C SER B 101 25.58 18.74 -4.77
N ASN B 102 25.38 19.97 -5.22
CA ASN B 102 26.48 20.90 -5.48
C ASN B 102 27.29 21.12 -4.20
N LEU B 103 26.57 21.45 -3.13
CA LEU B 103 27.16 21.67 -1.82
C LEU B 103 28.02 20.49 -1.37
N ALA B 104 27.43 19.29 -1.37
CA ALA B 104 28.14 18.10 -0.91
C ALA B 104 29.41 17.81 -1.71
N VAL B 105 29.32 17.86 -3.05
CA VAL B 105 30.45 17.43 -3.88
C VAL B 105 31.61 18.43 -3.89
N VAL B 106 31.29 19.72 -3.89
CA VAL B 106 32.30 20.78 -3.82
C VAL B 106 33.05 20.74 -2.48
N LEU B 107 32.29 20.72 -1.38
CA LEU B 107 32.88 20.74 -0.04
C LEU B 107 33.67 19.49 0.31
N LYS B 108 33.25 18.35 -0.22
CA LYS B 108 34.01 17.11 -0.09
C LYS B 108 35.38 17.23 -0.80
N LYS B 109 35.37 17.77 -2.02
CA LYS B 109 36.58 17.96 -2.82
C LYS B 109 37.53 19.01 -2.22
N VAL B 110 36.97 20.12 -1.75
CA VAL B 110 37.77 21.20 -1.14
C VAL B 110 38.45 20.75 0.16
N ASN B 111 37.71 20.04 1.01
CA ASN B 111 38.28 19.39 2.19
C ASN B 111 39.52 18.60 1.78
N GLU B 112 39.37 17.73 0.79
CA GLU B 112 40.45 16.92 0.23
C GLU B 112 41.62 17.76 -0.29
N LEU B 113 41.30 18.85 -1.01
CA LEU B 113 42.33 19.71 -1.60
C LEU B 113 43.12 20.48 -0.54
N LEU B 114 42.49 20.68 0.62
CA LEU B 114 43.13 21.37 1.74
C LEU B 114 43.69 20.39 2.79
N GLY B 115 43.96 19.17 2.36
CA GLY B 115 44.57 18.15 3.22
C GLY B 115 43.67 17.48 4.23
N SER B 116 42.38 17.40 3.89
N SER B 116 42.38 17.39 3.88
CA SER B 116 41.34 16.74 4.72
CA SER B 116 41.34 16.75 4.71
C SER B 116 41.31 17.19 6.19
C SER B 116 41.31 17.19 6.19
N PRO B 117 41.16 18.51 6.45
CA PRO B 117 41.09 19.01 7.83
C PRO B 117 39.89 18.50 8.62
N LEU B 118 38.77 18.28 7.95
CA LEU B 118 37.57 17.74 8.61
C LEU B 118 37.45 16.22 8.43
N SER B 119 37.02 15.56 9.50
CA SER B 119 36.72 14.13 9.46
C SER B 119 35.43 13.90 8.65
N GLU B 120 35.16 12.63 8.32
N GLU B 120 35.15 12.64 8.32
CA GLU B 120 33.95 12.23 7.61
CA GLU B 120 33.94 12.30 7.56
C GLU B 120 32.71 12.77 8.31
C GLU B 120 32.65 12.66 8.30
N GLU B 121 32.66 12.59 9.63
CA GLU B 121 31.53 13.03 10.47
C GLU B 121 31.35 14.55 10.47
N GLU B 122 32.45 15.28 10.60
CA GLU B 122 32.45 16.74 10.62
C GLU B 122 32.02 17.37 9.29
N LEU B 123 32.43 16.77 8.18
CA LEU B 123 32.01 17.20 6.84
C LEU B 123 30.51 16.91 6.62
N ARG B 124 30.07 15.77 7.12
CA ARG B 124 28.67 15.37 7.04
C ARG B 124 27.77 16.32 7.84
N GLU B 125 28.24 16.75 9.00
CA GLU B 125 27.47 17.65 9.85
C GLU B 125 27.52 19.11 9.37
N LEU B 126 28.60 19.45 8.66
CA LEU B 126 28.71 20.77 8.02
C LEU B 126 27.64 20.93 6.92
N VAL B 127 27.66 20.02 5.94
CA VAL B 127 26.73 20.11 4.81
C VAL B 127 25.28 19.88 5.23
N GLY B 128 25.09 18.99 6.21
CA GLY B 128 23.78 18.64 6.75
C GLY B 128 23.10 19.77 7.51
N SER B 129 23.91 20.67 8.08
CA SER B 129 23.39 21.84 8.80
C SER B 129 22.82 22.88 7.85
N ILE B 130 23.23 22.80 6.58
CA ILE B 130 22.72 23.69 5.54
C ILE B 130 21.56 23.04 4.76
N SER B 131 21.68 21.75 4.49
CA SER B 131 20.63 20.99 3.79
C SER B 131 20.61 19.54 4.23
N ALA B 132 19.43 19.07 4.65
CA ALA B 132 19.26 17.67 5.08
C ALA B 132 19.44 16.65 3.94
N ASP B 133 19.28 17.10 2.70
CA ASP B 133 19.48 16.25 1.51
C ASP B 133 20.95 16.10 1.12
N ALA B 134 21.79 17.01 1.59
CA ALA B 134 23.21 17.04 1.20
C ALA B 134 24.04 15.81 1.62
N PRO B 135 23.90 15.33 2.87
CA PRO B 135 24.68 14.15 3.28
C PRO B 135 24.55 12.89 2.41
N PHE B 136 23.37 12.65 1.84
CA PHE B 136 23.20 11.50 0.93
C PHE B 136 24.17 11.55 -0.25
N PHE B 137 24.44 12.75 -0.76
CA PHE B 137 25.35 12.92 -1.90
C PHE B 137 26.82 12.66 -1.57
N LEU B 138 27.13 12.62 -0.28
CA LEU B 138 28.44 12.19 0.20
C LEU B 138 28.56 10.67 0.17
N LEU B 139 27.43 10.00 -0.05
CA LEU B 139 27.37 8.54 -0.18
C LEU B 139 27.05 8.11 -1.60
N GLY B 140 26.02 8.72 -2.19
CA GLY B 140 25.51 8.31 -3.49
C GLY B 140 24.84 6.94 -3.46
N LYS B 141 24.71 6.33 -4.63
CA LYS B 141 24.03 5.04 -4.82
C LYS B 141 22.60 5.02 -4.23
N SER B 142 22.30 4.06 -3.36
CA SER B 142 20.98 3.95 -2.74
C SER B 142 21.10 4.01 -1.23
N ALA B 143 20.18 4.76 -0.61
CA ALA B 143 20.17 4.89 0.84
C ALA B 143 18.77 5.22 1.35
N ILE B 144 18.43 4.67 2.52
CA ILE B 144 17.26 5.08 3.25
C ILE B 144 17.62 6.32 4.06
N GLY B 145 16.81 7.37 3.94
CA GLY B 145 17.00 8.60 4.70
C GLY B 145 16.01 8.70 5.84
N ARG B 146 16.54 8.89 7.05
CA ARG B 146 15.74 9.03 8.25
C ARG B 146 16.01 10.37 8.93
N GLY B 147 15.28 10.64 10.01
CA GLY B 147 15.31 11.95 10.65
C GLY B 147 14.68 12.97 9.71
N LYS B 148 15.46 13.96 9.33
CA LYS B 148 15.04 14.93 8.31
C LYS B 148 15.50 14.49 6.92
N GLY B 149 16.20 13.36 6.87
CA GLY B 149 16.78 12.83 5.64
C GLY B 149 18.27 12.57 5.78
N GLU B 150 18.88 13.19 6.79
CA GLU B 150 20.34 13.17 6.97
C GLU B 150 20.88 11.92 7.66
N VAL B 151 20.01 11.15 8.33
CA VAL B 151 20.41 9.88 8.94
C VAL B 151 20.25 8.75 7.91
N LEU B 152 21.37 8.23 7.44
CA LEU B 152 21.39 7.38 6.24
C LEU B 152 21.83 5.93 6.45
N GLU B 153 21.11 5.02 5.79
CA GLU B 153 21.44 3.60 5.76
C GLU B 153 21.60 3.14 4.31
N PRO B 154 22.84 2.87 3.87
CA PRO B 154 23.06 2.37 2.51
C PRO B 154 22.31 1.05 2.26
N VAL B 155 21.73 0.90 1.08
CA VAL B 155 21.00 -0.31 0.73
C VAL B 155 21.27 -0.73 -0.72
N GLU B 156 21.06 -2.01 -1.00
CA GLU B 156 21.14 -2.55 -2.35
CA GLU B 156 21.13 -2.54 -2.36
C GLU B 156 19.73 -2.95 -2.82
N THR B 157 19.21 -2.22 -3.80
CA THR B 157 17.86 -2.47 -4.31
C THR B 157 17.88 -3.43 -5.50
N GLU B 158 16.69 -3.90 -5.89
CA GLU B 158 16.54 -4.73 -7.08
C GLU B 158 15.88 -3.94 -8.21
N ILE B 159 16.06 -2.62 -8.18
CA ILE B 159 15.49 -1.72 -9.19
C ILE B 159 16.50 -1.47 -10.31
N SER B 160 16.08 -1.72 -11.55
CA SER B 160 16.91 -1.54 -12.75
C SER B 160 16.04 -1.20 -13.98
N GLY B 161 16.72 -0.88 -15.08
CA GLY B 161 16.03 -0.55 -16.33
C GLY B 161 15.87 0.95 -16.53
N LYS B 162 14.92 1.31 -17.38
CA LYS B 162 14.68 2.71 -17.76
C LYS B 162 13.85 3.49 -16.74
N ILE B 163 14.27 4.72 -16.48
CA ILE B 163 13.50 5.71 -15.74
C ILE B 163 13.53 6.98 -16.57
N THR B 164 12.35 7.50 -16.90
CA THR B 164 12.25 8.77 -17.61
C THR B 164 11.75 9.86 -16.67
N LEU B 165 12.40 11.02 -16.71
CA LEU B 165 11.96 12.19 -15.97
C LEU B 165 11.24 13.10 -16.91
N VAL B 166 10.13 13.65 -16.45
CA VAL B 166 9.41 14.68 -17.20
C VAL B 166 9.26 15.88 -16.28
N ILE B 167 10.10 16.87 -16.52
CA ILE B 167 10.23 18.03 -15.64
C ILE B 167 9.45 19.22 -16.20
N PRO B 168 8.36 19.61 -15.52
CA PRO B 168 7.62 20.78 -15.95
C PRO B 168 8.42 22.06 -15.73
N GLN B 169 7.93 23.17 -16.28
CA GLN B 169 8.63 24.44 -16.15
C GLN B 169 8.55 25.03 -14.75
N VAL B 170 7.39 24.86 -14.11
CA VAL B 170 7.15 25.41 -12.77
C VAL B 170 8.20 24.95 -11.75
N SER B 171 8.69 25.91 -10.98
CA SER B 171 9.67 25.65 -9.94
C SER B 171 8.94 25.49 -8.62
N SER B 172 8.97 24.28 -8.07
CA SER B 172 8.26 23.98 -6.82
C SER B 172 9.05 24.41 -5.58
N SER B 173 8.38 25.10 -4.68
CA SER B 173 8.97 25.49 -3.40
C SER B 173 8.72 24.43 -2.33
N THR B 174 9.82 23.86 -1.84
CA THR B 174 9.79 22.84 -0.79
C THR B 174 9.15 23.36 0.50
N GLY B 175 9.53 24.58 0.90
CA GLY B 175 8.94 25.26 2.05
C GLY B 175 7.43 25.39 1.98
N ARG B 176 6.90 25.84 0.84
CA ARG B 176 5.46 26.01 0.66
C ARG B 176 4.70 24.68 0.69
N VAL B 177 5.34 23.63 0.18
CA VAL B 177 4.73 22.30 0.13
C VAL B 177 4.60 21.69 1.53
N TYR B 178 5.71 21.71 2.29
CA TYR B 178 5.71 21.25 3.68
C TYR B 178 4.75 22.06 4.56
N SER B 179 4.54 23.33 4.22
CA SER B 179 3.66 24.22 4.97
C SER B 179 2.19 23.88 4.76
N SER B 180 1.87 23.19 3.67
CA SER B 180 0.50 22.76 3.36
C SER B 180 0.20 21.38 3.94
N LEU B 181 1.19 20.81 4.64
CA LEU B 181 1.08 19.48 5.23
C LEU B 181 0.09 19.48 6.39
N ARG B 182 -0.87 18.56 6.33
CA ARG B 182 -1.91 18.40 7.34
C ARG B 182 -1.71 17.09 8.11
N GLU B 183 -2.44 16.93 9.21
CA GLU B 183 -2.36 15.73 10.07
C GLU B 183 -2.70 14.43 9.34
N GLU B 184 -3.64 14.50 8.39
CA GLU B 184 -4.05 13.33 7.60
C GLU B 184 -2.95 12.80 6.66
N HIS B 185 -1.93 13.63 6.40
CA HIS B 185 -0.80 13.26 5.55
C HIS B 185 0.24 12.38 6.24
N PHE B 186 0.21 12.36 7.57
CA PHE B 186 1.20 11.62 8.36
C PHE B 186 0.91 10.12 8.40
N VAL B 187 1.98 9.34 8.45
CA VAL B 187 1.88 7.90 8.67
C VAL B 187 2.86 7.54 9.78
N THR B 188 2.74 6.31 10.29
CA THR B 188 3.67 5.75 11.26
C THR B 188 4.95 5.28 10.57
N PRO B 189 6.08 5.23 11.31
CA PRO B 189 7.32 4.68 10.76
C PRO B 189 7.19 3.23 10.28
N GLU B 190 6.38 2.42 10.98
CA GLU B 190 6.16 1.01 10.65
C GLU B 190 5.45 0.80 9.32
N TYR B 191 4.45 1.63 9.03
CA TYR B 191 3.81 1.62 7.72
C TYR B 191 4.82 1.89 6.60
N ALA B 192 5.50 3.02 6.69
CA ALA B 192 6.52 3.44 5.71
C ALA B 192 7.68 2.47 5.54
N GLU B 193 8.11 1.84 6.65
CA GLU B 193 9.14 0.79 6.62
C GLU B 193 8.75 -0.42 5.76
N GLU B 194 7.50 -0.87 5.88
CA GLU B 194 6.98 -1.98 5.05
C GLU B 194 6.96 -1.62 3.56
N LYS B 195 6.49 -0.41 3.26
CA LYS B 195 6.49 0.14 1.91
C LYS B 195 7.91 0.18 1.32
N ILE B 196 8.87 0.69 2.11
CA ILE B 196 10.27 0.81 1.69
C ILE B 196 10.96 -0.54 1.44
N GLN B 197 10.72 -1.52 2.32
N GLN B 197 10.71 -1.52 2.29
CA GLN B 197 11.24 -2.89 2.11
CA GLN B 197 11.27 -2.86 2.09
C GLN B 197 10.74 -3.47 0.80
C GLN B 197 10.72 -3.53 0.82
N ARG B 198 9.48 -3.21 0.47
CA ARG B 198 8.88 -3.70 -0.79
C ARG B 198 9.49 -3.03 -2.03
N ILE B 199 9.69 -1.71 -1.95
CA ILE B 199 10.30 -0.96 -3.04
C ILE B 199 11.74 -1.44 -3.30
N ILE B 200 12.51 -1.65 -2.23
CA ILE B 200 13.87 -2.19 -2.32
C ILE B 200 13.90 -3.57 -3.02
N SER B 201 12.91 -4.41 -2.73
CA SER B 201 12.79 -5.72 -3.40
C SER B 201 12.44 -5.60 -4.88
N GLY B 202 12.15 -4.39 -5.34
CA GLY B 202 11.88 -4.14 -6.76
C GLY B 202 10.43 -3.84 -7.10
N GLU B 203 9.57 -3.81 -6.09
CA GLU B 203 8.15 -3.52 -6.26
C GLU B 203 7.86 -2.01 -6.32
N VAL B 204 8.26 -1.40 -7.43
CA VAL B 204 8.18 0.07 -7.62
C VAL B 204 6.75 0.64 -7.62
N GLU B 205 5.79 -0.27 -7.75
N GLU B 205 5.76 -0.25 -7.76
CA GLU B 205 4.37 0.03 -7.68
CA GLU B 205 4.36 0.13 -7.70
C GLU B 205 3.99 0.55 -6.30
C GLU B 205 3.98 0.58 -6.28
N GLU B 206 4.79 0.19 -5.29
CA GLU B 206 4.60 0.62 -3.89
C GLU B 206 5.14 2.02 -3.57
N ILE B 207 5.78 2.68 -4.54
CA ILE B 207 6.24 4.06 -4.36
C ILE B 207 5.03 4.97 -4.18
N GLU B 208 5.12 5.86 -3.20
CA GLU B 208 4.15 6.95 -3.01
C GLU B 208 4.84 8.12 -2.32
N ASN B 209 4.20 9.29 -2.33
CA ASN B 209 4.82 10.52 -1.87
C ASN B 209 3.76 11.60 -1.68
N VAL B 210 3.43 11.86 -0.41
CA VAL B 210 2.39 12.85 -0.06
C VAL B 210 2.80 14.29 -0.42
N LEU B 211 4.10 14.58 -0.44
CA LEU B 211 4.57 15.90 -0.88
C LEU B 211 4.24 16.14 -2.37
N GLY B 212 4.24 15.07 -3.16
CA GLY B 212 3.84 15.12 -4.55
C GLY B 212 2.35 15.33 -4.73
N ASP B 213 1.56 14.75 -3.82
CA ASP B 213 0.10 14.95 -3.76
C ASP B 213 -0.23 16.43 -3.58
N ILE B 214 0.48 17.05 -2.65
CA ILE B 214 0.32 18.46 -2.31
C ILE B 214 0.84 19.36 -3.42
N ALA B 215 2.01 19.01 -3.96
CA ALA B 215 2.61 19.74 -5.07
C ALA B 215 1.70 19.76 -6.30
N ARG B 216 1.00 18.65 -6.54
CA ARG B 216 0.05 18.58 -7.65
C ARG B 216 -1.14 19.54 -7.48
N GLU B 217 -1.54 19.75 -6.22
N GLU B 217 -1.54 19.79 -6.24
CA GLU B 217 -2.60 20.68 -5.84
CA GLU B 217 -2.65 20.73 -6.00
C GLU B 217 -2.13 22.12 -6.03
C GLU B 217 -2.21 22.20 -5.85
N LEU B 218 -0.94 22.43 -5.52
CA LEU B 218 -0.39 23.79 -5.51
C LEU B 218 0.03 24.26 -6.90
N TYR B 219 0.70 23.39 -7.64
CA TYR B 219 1.21 23.72 -8.96
C TYR B 219 0.53 22.87 -10.04
N PRO B 220 -0.57 23.38 -10.64
CA PRO B 220 -1.41 22.64 -11.59
C PRO B 220 -0.64 21.99 -12.76
N GLU B 221 0.48 22.59 -13.15
CA GLU B 221 1.32 22.05 -14.23
C GLU B 221 1.94 20.68 -13.88
N ILE B 222 2.20 20.43 -12.60
CA ILE B 222 2.71 19.12 -12.14
C ILE B 222 1.62 18.07 -12.34
N ASN B 223 0.38 18.44 -12.02
CA ASN B 223 -0.79 17.59 -12.24
C ASN B 223 -1.00 17.29 -13.73
N GLU B 224 -0.82 18.31 -14.57
CA GLU B 224 -0.85 18.16 -16.03
C GLU B 224 0.14 17.12 -16.51
N VAL B 225 1.37 17.18 -16.00
CA VAL B 225 2.41 16.20 -16.34
C VAL B 225 2.03 14.82 -15.82
N TYR B 226 1.58 14.77 -14.56
CA TYR B 226 1.14 13.54 -13.90
C TYR B 226 0.05 12.82 -14.70
N ARG B 227 -0.96 13.58 -15.14
CA ARG B 227 -2.09 13.04 -15.90
C ARG B 227 -1.71 12.56 -17.30
N PHE B 228 -0.81 13.29 -17.95
CA PHE B 228 -0.34 12.91 -19.29
C PHE B 228 0.41 11.57 -19.27
N VAL B 229 1.25 11.38 -18.26
CA VAL B 229 1.98 10.13 -18.07
C VAL B 229 1.00 8.96 -17.88
N GLU B 230 -0.05 9.19 -17.07
CA GLU B 230 -1.15 8.22 -16.94
C GLU B 230 -1.77 7.91 -18.29
N TYR B 231 -2.13 8.97 -19.02
CA TYR B 231 -2.72 8.85 -20.37
C TYR B 231 -1.87 8.00 -21.31
N LEU B 232 -0.54 8.08 -21.18
CA LEU B 232 0.38 7.26 -21.98
C LEU B 232 0.46 5.82 -21.47
N GLY B 233 -0.25 5.51 -20.40
CA GLY B 233 -0.30 4.16 -19.85
C GLY B 233 0.84 3.78 -18.91
N PHE B 234 1.48 4.77 -18.32
CA PHE B 234 2.48 4.51 -17.28
C PHE B 234 1.99 4.99 -15.92
N LYS B 235 2.50 4.34 -14.86
CA LYS B 235 2.28 4.83 -13.50
CA LYS B 235 2.27 4.83 -13.51
C LYS B 235 3.28 5.94 -13.21
N PRO B 236 2.78 7.15 -12.92
CA PRO B 236 3.67 8.25 -12.59
C PRO B 236 4.01 8.34 -11.10
N PHE B 237 5.19 8.89 -10.80
CA PHE B 237 5.62 9.14 -9.43
C PHE B 237 6.21 10.55 -9.36
N VAL B 238 6.32 11.09 -8.16
CA VAL B 238 6.85 12.44 -7.98
C VAL B 238 8.08 12.42 -7.07
N SER B 239 9.15 13.08 -7.53
CA SER B 239 10.37 13.20 -6.75
C SER B 239 10.31 14.43 -5.85
N GLY B 240 10.87 14.28 -4.66
CA GLY B 240 10.91 15.36 -3.68
C GLY B 240 9.54 15.92 -3.41
N SER B 241 9.44 17.23 -3.45
CA SER B 241 8.18 17.94 -3.31
C SER B 241 7.77 18.54 -4.66
N GLY B 242 7.98 17.81 -5.74
CA GLY B 242 7.80 18.35 -7.09
C GLY B 242 9.06 19.10 -7.51
N SER B 243 9.18 19.46 -8.78
CA SER B 243 8.12 19.32 -9.79
C SER B 243 8.22 18.04 -10.62
N THR B 244 9.37 17.38 -10.55
CA THR B 244 9.63 16.23 -11.42
C THR B 244 8.66 15.05 -11.19
N VAL B 245 8.07 14.61 -12.31
CA VAL B 245 7.26 13.39 -12.40
C VAL B 245 8.13 12.40 -13.15
N TYR B 246 8.27 11.19 -12.61
CA TYR B 246 8.99 10.12 -13.29
C TYR B 246 8.16 8.83 -13.47
N PHE B 247 8.62 7.98 -14.39
CA PHE B 247 8.02 6.67 -14.62
C PHE B 247 9.05 5.65 -15.06
N PHE B 248 8.72 4.36 -14.93
CA PHE B 248 9.63 3.29 -15.29
C PHE B 248 9.34 2.77 -16.70
N GLY B 249 10.17 3.24 -17.63
CA GLY B 249 10.03 2.95 -19.05
C GLY B 249 10.64 4.07 -19.86
N GLY B 250 10.65 3.92 -21.18
CA GLY B 250 11.28 4.88 -22.08
C GLY B 250 10.39 6.00 -22.56
N ALA B 251 11.02 7.04 -23.12
CA ALA B 251 10.31 8.16 -23.68
C ALA B 251 9.90 7.86 -25.14
N SER B 252 8.60 7.95 -25.40
CA SER B 252 8.08 7.73 -26.75
C SER B 252 8.11 9.03 -27.55
N GLU B 253 7.88 8.93 -28.85
CA GLU B 253 7.84 10.10 -29.73
C GLU B 253 6.64 10.99 -29.41
N GLU B 254 5.56 10.36 -28.95
CA GLU B 254 4.37 11.09 -28.49
C GLU B 254 4.67 11.94 -27.25
N LEU B 255 5.39 11.37 -26.29
CA LEU B 255 5.84 12.12 -25.10
C LEU B 255 6.82 13.24 -25.48
N LYS B 256 7.85 12.89 -26.25
CA LYS B 256 8.84 13.88 -26.70
C LYS B 256 8.23 15.05 -27.46
N LYS B 257 7.23 14.76 -28.30
CA LYS B 257 6.52 15.79 -29.06
C LYS B 257 5.67 16.69 -28.16
N ALA B 258 4.95 16.08 -27.23
CA ALA B 258 4.13 16.83 -26.27
C ALA B 258 5.00 17.69 -25.33
N ALA B 259 6.13 17.13 -24.90
CA ALA B 259 7.07 17.84 -24.03
C ALA B 259 7.67 19.08 -24.70
N LYS B 260 8.09 18.94 -25.96
CA LYS B 260 8.63 20.06 -26.74
C LYS B 260 7.66 21.23 -26.86
N MET B 261 6.38 20.92 -27.05
CA MET B 261 5.33 21.94 -27.20
C MET B 261 4.98 22.64 -25.88
N ARG B 262 5.05 21.89 -24.78
CA ARG B 262 4.67 22.43 -23.46
C ARG B 262 5.87 22.98 -22.69
N GLY B 263 7.07 22.66 -23.17
CA GLY B 263 8.31 23.15 -22.56
C GLY B 263 8.87 22.27 -21.45
N TRP B 264 8.40 21.02 -21.41
CA TRP B 264 8.86 20.08 -20.40
C TRP B 264 10.21 19.48 -20.80
N LYS B 265 11.07 19.28 -19.82
CA LYS B 265 12.33 18.58 -20.04
C LYS B 265 12.10 17.10 -19.87
N VAL B 266 12.60 16.31 -20.83
CA VAL B 266 12.53 14.87 -20.76
C VAL B 266 13.94 14.35 -20.59
N VAL B 267 14.17 13.59 -19.52
CA VAL B 267 15.49 13.03 -19.24
C VAL B 267 15.38 11.52 -19.14
N GLU B 268 16.00 10.83 -20.09
CA GLU B 268 15.99 9.38 -20.11
C GLU B 268 17.20 8.83 -19.39
N LEU B 269 16.94 8.04 -18.36
CA LEU B 269 18.00 7.47 -17.54
C LEU B 269 17.94 5.97 -17.68
N GLU B 270 19.03 5.33 -17.28
CA GLU B 270 19.11 3.89 -17.27
C GLU B 270 19.90 3.49 -16.02
N LEU B 271 19.27 2.68 -15.19
CA LEU B 271 19.89 2.22 -13.95
C LEU B 271 20.19 0.71 -14.01
O5' CTN C . -11.10 -21.80 9.87
C5' CTN C . -10.50 -22.97 9.31
C4' CTN C . -9.00 -22.96 9.60
O4' CTN C . -8.46 -21.67 9.19
C1' CTN C . -7.33 -21.36 10.06
N1 CTN C . -7.47 -19.98 10.63
C6 CTN C . -8.72 -19.32 10.58
C5 CTN C . -8.86 -18.08 11.09
C4 CTN C . -7.75 -17.44 11.66
N3 CTN C . -6.55 -18.06 11.71
C2 CTN C . -6.37 -19.30 11.21
O2 CTN C . -5.26 -19.81 11.29
N4 CTN C . -7.88 -16.22 12.16
C2' CTN C . -7.29 -22.44 11.16
O2' CTN C . -6.31 -23.44 10.82
C3' CTN C . -8.70 -23.03 11.10
O3' CTN C . -8.67 -24.39 11.54
CL CL D . -6.72 -8.95 -2.85
S SO4 E . -7.57 -29.22 -0.31
O1 SO4 E . -8.42 -28.05 -0.52
O2 SO4 E . -8.00 -30.28 -1.20
O3 SO4 E . -6.19 -28.86 -0.64
O4 SO4 E . -7.66 -29.65 1.08
S SO4 F . -15.23 -20.21 3.40
O1 SO4 F . -16.59 -20.71 3.20
O2 SO4 F . -14.43 -20.51 2.23
O3 SO4 F . -15.28 -18.77 3.66
O4 SO4 F . -14.66 -20.90 4.58
S SO4 G . -11.02 -25.50 5.86
O1 SO4 G . -11.38 -24.57 4.80
O2 SO4 G . -10.87 -26.84 5.30
O3 SO4 G . -9.77 -25.09 6.51
O4 SO4 G . -12.07 -25.50 6.89
S SO4 H . 1.24 -16.63 -13.87
O1 SO4 H . -0.17 -16.28 -13.74
O2 SO4 H . 1.44 -18.02 -13.45
O3 SO4 H . 1.67 -16.49 -15.26
O4 SO4 H . 2.03 -15.73 -13.02
S SO4 I . 0.53 -10.26 -9.29
O1 SO4 I . -0.15 -9.33 -10.21
O2 SO4 I . 0.84 -11.51 -10.00
O3 SO4 I . 1.77 -9.67 -8.81
O4 SO4 I . -0.35 -10.54 -8.16
O5' CTN J . 14.03 22.59 2.99
C5' CTN J . 13.32 23.80 2.76
C4' CTN J . 12.08 23.89 3.66
O4' CTN J . 11.39 22.61 3.64
C1' CTN J . 10.88 22.32 4.98
N1 CTN J . 11.35 20.97 5.43
C6 CTN J . 12.46 20.36 4.82
C5 CTN J . 12.87 19.15 5.24
C4 CTN J . 12.20 18.50 6.28
N3 CTN J . 11.14 19.07 6.88
C2 CTN J . 10.68 20.29 6.49
O2 CTN J . 9.70 20.79 7.06
N4 CTN J . 12.62 17.30 6.68
C2' CTN J . 11.32 23.46 5.89
O2' CTN J . 10.23 24.39 6.04
C3' CTN J . 12.45 24.12 5.13
O3' CTN J . 12.48 25.52 5.40
O3 SG3 K . 16.52 21.71 -7.14
P SG3 K . 16.92 22.35 -5.73
O4 SG3 K . 18.26 21.57 -5.34
O2 SG3 K . 17.16 23.81 -5.83
C5 SG3 K . 15.64 21.86 -4.49
C6 SG3 K . 14.50 21.33 -4.98
C7 SG3 K . 14.33 19.81 -4.65
O13 SG3 K . 15.58 19.15 -4.86
C8 SG3 K . 13.72 19.37 -3.26
C12 SG3 K . 14.04 20.34 -2.11
F11 SG3 K . 12.38 19.16 -3.30
C9 SG3 K . 14.28 18.03 -2.88
O10 SG3 K . 13.25 17.30 -2.23
CL CL L . 4.90 9.26 -5.92
S SO4 M . -4.70 10.48 -7.90
O1 SO4 M . -5.24 10.22 -6.57
O2 SO4 M . -5.21 9.48 -8.84
O3 SO4 M . -5.14 11.80 -8.32
O4 SO4 M . -3.24 10.41 -7.88
S SO4 N . 12.65 26.40 -1.13
O1 SO4 N . 11.44 27.03 -0.63
O2 SO4 N . 12.30 25.45 -2.19
O3 SO4 N . 13.56 27.41 -1.69
O4 SO4 N . 13.32 25.70 -0.04
S SO4 O . -7.72 16.16 -11.55
O1 SO4 O . -9.02 15.53 -11.35
O2 SO4 O . -7.50 16.42 -12.97
O3 SO4 O . -7.67 17.41 -10.79
O4 SO4 O . -6.67 15.28 -11.05
#